data_5N1L
#
_entry.id   5N1L
#
_cell.length_a   58.333
_cell.length_b   108.617
_cell.length_c   72.262
_cell.angle_alpha   90.00
_cell.angle_beta   90.00
_cell.angle_gamma   90.00
#
_symmetry.space_group_name_H-M   'P 21 21 21'
#
loop_
_entity.id
_entity.type
_entity.pdbx_description
1 polymer 'cAMP-dependent protein kinase catalytic subunit alpha'
2 polymer 'cAMP-dependent protein kinase inhibitor alpha-like protein'
3 non-polymer 2,5-dimethyl-N-(pyridin-4-yl)furan-3-carboxamide
4 non-polymer (4S)-2-METHYL-2,4-PENTANEDIOL
5 non-polymer 'DIMETHYL SULFOXIDE'
6 water water
#
loop_
_entity_poly.entity_id
_entity_poly.type
_entity_poly.pdbx_seq_one_letter_code
_entity_poly.pdbx_strand_id
1 'polypeptide(L)'
;GHMGNAAAAKKG(SEP)EQESVKEFLAKAKEEFLKKWESPSQNTAQLDHFDRIKTLGTGSFGRVMLVKHKETGNHYAMKI
LDKQKVVKLKQIEHTLNEKRILQAVNFPFLVKLEFSFKDNSNLYMVMEYVPGGEMFSHLRRIGRF(SEP)EPHARFYAAQ
IVLTFEYLHSLDLIYRDLKPENLLIDQQGYIQVTDFGFAKRVKGRTW(TPO)LCGTPEYLAPEIILSKGYNKAVDWWALG
VLIYEMAAGYPPFFADQPIQIYEKIVSGKVRFPSHFSSDLKDLLRNLLQVDLTKRFGNLKNGVNDIKNHKWFATTDWIAI
YQRKVEAPFIPKFKGPGDTSNFDDYEEEEIRV(SEP)INEKCGKEFTEF
;
A
2 'polypeptide(L)' IAAGRTGRRQAIHDILVAA B
#
loop_
_chem_comp.id
_chem_comp.type
_chem_comp.name
_chem_comp.formula
47V non-polymer 2,5-dimethyl-N-(pyridin-4-yl)furan-3-carboxamide 'C12 H12 N2 O2'
DMS non-polymer 'DIMETHYL SULFOXIDE' 'C2 H6 O S'
MPD non-polymer (4S)-2-METHYL-2,4-PENTANEDIOL 'C6 H14 O2'
#
# COMPACT_ATOMS: atom_id res chain seq x y z
N GLY A 1 34.54 7.96 11.67
CA GLY A 1 33.15 7.40 11.62
C GLY A 1 32.89 6.72 10.28
N HIS A 2 31.64 6.31 10.03
CA HIS A 2 31.31 5.71 8.74
C HIS A 2 31.38 6.74 7.61
N MET A 3 30.94 7.95 7.87
CA MET A 3 30.99 9.01 6.87
C MET A 3 32.15 9.94 7.17
N GLY A 4 32.81 10.41 6.12
CA GLY A 4 33.71 11.53 6.26
C GLY A 4 32.93 12.83 6.33
N ASN A 5 33.69 13.92 6.39
CA ASN A 5 33.09 15.26 6.51
C ASN A 5 32.13 15.55 5.36
N ALA A 6 32.56 15.33 4.12
CA ALA A 6 31.74 15.66 2.96
C ALA A 6 30.42 14.92 3.00
N ALA A 7 30.48 13.60 3.24
CA ALA A 7 29.28 12.79 3.21
C ALA A 7 28.35 13.18 4.36
N ALA A 8 28.91 13.48 5.53
CA ALA A 8 28.08 13.73 6.70
C ALA A 8 27.33 15.05 6.54
N ALA A 9 28.01 16.08 6.05
CA ALA A 9 27.35 17.35 5.79
C ALA A 9 26.30 17.22 4.69
N LYS A 10 26.59 16.42 3.66
CA LYS A 10 25.60 16.17 2.62
C LYS A 10 24.37 15.53 3.22
N LYS A 11 24.55 14.58 4.12
CA LYS A 11 23.39 13.90 4.70
C LYS A 11 22.56 14.86 5.55
N GLY A 12 23.20 15.70 6.36
CA GLY A 12 22.46 16.66 7.18
C GLY A 12 21.61 17.62 6.35
N SEP A 13 22.21 18.24 5.34
CA SEP A 13 21.48 19.11 4.41
CB SEP A 13 22.43 19.60 3.33
OG SEP A 13 21.71 20.18 2.26
C SEP A 13 20.31 18.35 3.81
O SEP A 13 19.21 18.90 3.69
P SEP A 13 22.33 21.51 1.59
O1P SEP A 13 22.49 22.67 2.71
O2P SEP A 13 21.30 21.95 0.46
O3P SEP A 13 23.76 21.18 1.03
H SEP A 13 23.05 18.17 5.17
HA SEP A 13 21.14 19.89 4.89
HB2 SEP A 13 22.94 18.85 2.99
HB3 SEP A 13 23.03 20.26 3.72
N GLU A 14 20.53 17.09 3.46
CA GLU A 14 19.44 16.26 2.95
C GLU A 14 18.30 16.17 3.96
N GLN A 15 18.66 16.05 5.25
CA GLN A 15 17.63 15.93 6.30
C GLN A 15 16.82 17.22 6.44
N GLU A 16 17.48 18.37 6.41
CA GLU A 16 16.75 19.63 6.43
C GLU A 16 15.82 19.75 5.21
N SER A 17 16.28 19.33 4.04
CA SER A 17 15.44 19.40 2.86
C SER A 17 14.22 18.50 2.97
N VAL A 18 14.36 17.35 3.62
CA VAL A 18 13.19 16.51 3.86
C VAL A 18 12.16 17.24 4.72
N LYS A 19 12.61 17.83 5.82
CA LYS A 19 11.72 18.59 6.69
C LYS A 19 10.99 19.67 5.91
N GLU A 20 11.68 20.36 5.02
CA GLU A 20 11.09 21.42 4.24
C GLU A 20 10.04 20.87 3.28
N PHE A 21 10.35 19.77 2.62
CA PHE A 21 9.38 19.15 1.73
C PHE A 21 8.14 18.72 2.50
N LEU A 22 8.32 18.06 3.63
CA LEU A 22 7.16 17.53 4.33
C LEU A 22 6.31 18.64 4.93
N ALA A 23 6.93 19.76 5.28
CA ALA A 23 6.13 20.86 5.78
C ALA A 23 5.22 21.41 4.69
N LYS A 24 5.75 21.53 3.47
CA LYS A 24 4.92 22.00 2.36
C LYS A 24 3.86 20.97 2.00
N ALA A 25 4.24 19.69 2.06
CA ALA A 25 3.28 18.62 1.76
C ALA A 25 2.12 18.61 2.75
N LYS A 26 2.40 18.92 4.02
CA LYS A 26 1.32 18.97 5.00
C LYS A 26 0.40 20.15 4.74
N GLU A 27 0.96 21.30 4.39
CA GLU A 27 0.12 22.44 4.07
C GLU A 27 -0.82 22.09 2.91
N GLU A 28 -0.29 21.44 1.86
CA GLU A 28 -1.11 21.12 0.69
C GLU A 28 -2.17 20.08 1.03
N PHE A 29 -1.79 19.05 1.80
CA PHE A 29 -2.75 18.03 2.21
C PHE A 29 -3.90 18.62 3.01
N LEU A 30 -3.59 19.47 4.00
CA LEU A 30 -4.64 19.98 4.87
C LEU A 30 -5.65 20.82 4.10
N LYS A 31 -5.18 21.60 3.11
CA LYS A 31 -6.11 22.38 2.30
C LYS A 31 -7.12 21.48 1.60
N LYS A 32 -6.65 20.34 1.05
CA LYS A 32 -7.57 19.39 0.44
C LYS A 32 -8.38 18.59 1.46
N TRP A 33 -7.80 18.28 2.62
CA TRP A 33 -8.48 17.47 3.62
C TRP A 33 -9.68 18.21 4.22
N GLU A 34 -9.55 19.53 4.37
CA GLU A 34 -10.59 20.36 4.96
C GLU A 34 -11.60 20.85 3.92
N SER A 35 -11.19 20.99 2.66
CA SER A 35 -12.07 21.47 1.59
C SER A 35 -12.07 20.49 0.42
N PRO A 36 -12.73 19.32 0.58
CA PRO A 36 -12.86 18.35 -0.49
C PRO A 36 -14.08 18.60 -1.39
N ASN A 39 -19.20 13.57 -5.85
CA ASN A 39 -20.19 13.44 -6.93
C ASN A 39 -19.65 14.02 -8.23
N THR A 40 -18.40 13.69 -8.54
CA THR A 40 -17.72 14.26 -9.70
C THR A 40 -18.01 13.50 -11.00
N ALA A 41 -18.97 12.56 -11.01
CA ALA A 41 -19.35 11.83 -12.21
C ALA A 41 -20.54 10.94 -11.87
N GLN A 42 -20.97 10.14 -12.84
CA GLN A 42 -22.02 9.15 -12.60
C GLN A 42 -21.74 7.91 -13.44
N LEU A 43 -22.46 6.82 -13.12
CA LEU A 43 -22.11 5.51 -13.65
C LEU A 43 -22.23 5.46 -15.17
N ASP A 44 -23.29 6.04 -15.72
CA ASP A 44 -23.52 5.97 -17.15
C ASP A 44 -22.51 6.77 -17.95
N HIS A 45 -21.55 7.45 -17.30
CA HIS A 45 -20.49 8.14 -18.03
C HIS A 45 -19.39 7.20 -18.47
N PHE A 46 -19.44 5.94 -18.09
CA PHE A 46 -18.34 5.02 -18.36
C PHE A 46 -18.87 3.76 -19.01
N ASP A 47 -18.09 3.23 -19.93
CA ASP A 47 -18.29 1.87 -20.43
C ASP A 47 -17.46 0.92 -19.58
N ARG A 48 -18.08 -0.16 -19.11
CA ARG A 48 -17.36 -1.12 -18.28
C ARG A 48 -16.77 -2.21 -19.17
N ILE A 49 -15.48 -2.48 -18.99
CA ILE A 49 -14.71 -3.32 -19.90
C ILE A 49 -14.42 -4.70 -19.30
N LYS A 50 -13.75 -4.75 -18.15
CA LYS A 50 -13.22 -6.00 -17.63
C LYS A 50 -12.95 -5.83 -16.15
N THR A 51 -13.14 -6.92 -15.39
CA THR A 51 -12.80 -6.91 -13.98
C THR A 51 -11.30 -7.10 -13.81
N LEU A 52 -10.67 -6.20 -13.06
CA LEU A 52 -9.23 -6.22 -12.82
C LEU A 52 -8.86 -6.87 -11.50
N GLY A 53 -9.82 -7.03 -10.60
CA GLY A 53 -9.55 -7.58 -9.30
C GLY A 53 -10.82 -7.58 -8.49
N THR A 54 -10.81 -8.35 -7.41
CA THR A 54 -11.96 -8.48 -6.55
C THR A 54 -11.54 -8.39 -5.09
N GLY A 55 -12.50 -8.04 -4.25
CA GLY A 55 -12.29 -7.93 -2.83
C GLY A 55 -13.57 -8.18 -2.07
N SER A 56 -13.61 -7.84 -0.79
CA SER A 56 -14.74 -8.21 0.05
C SER A 56 -16.02 -7.52 -0.38
N PHE A 57 -15.96 -6.20 -0.58
CA PHE A 57 -17.15 -5.39 -0.80
C PHE A 57 -17.54 -5.28 -2.27
N GLY A 58 -16.72 -5.82 -3.18
CA GLY A 58 -16.99 -5.68 -4.59
C GLY A 58 -15.78 -5.92 -5.47
N ARG A 59 -15.67 -5.16 -6.55
CA ARG A 59 -14.73 -5.46 -7.61
C ARG A 59 -14.15 -4.16 -8.13
N VAL A 60 -13.03 -4.29 -8.82
CA VAL A 60 -12.43 -3.17 -9.54
C VAL A 60 -12.48 -3.51 -11.01
N MET A 61 -13.02 -2.59 -11.82
CA MET A 61 -13.16 -2.84 -13.24
C MET A 61 -12.40 -1.79 -14.03
N LEU A 62 -11.80 -2.23 -15.12
CA LEU A 62 -11.38 -1.28 -16.14
C LEU A 62 -12.63 -0.69 -16.77
N VAL A 63 -12.68 0.64 -16.83
CA VAL A 63 -13.77 1.35 -17.48
C VAL A 63 -13.17 2.36 -18.44
N LYS A 64 -13.97 2.77 -19.41
CA LYS A 64 -13.60 3.79 -20.36
C LYS A 64 -14.59 4.94 -20.23
N HIS A 65 -14.07 6.14 -19.97
CA HIS A 65 -14.93 7.32 -19.90
C HIS A 65 -15.44 7.64 -21.31
N LYS A 66 -16.76 7.73 -21.45
CA LYS A 66 -17.36 7.86 -22.77
C LYS A 66 -16.94 9.15 -23.46
N GLU A 67 -16.92 10.26 -22.73
CA GLU A 67 -16.67 11.56 -23.36
C GLU A 67 -15.22 11.71 -23.81
N THR A 68 -14.27 11.40 -22.92
CA THR A 68 -12.85 11.65 -23.20
C THR A 68 -12.14 10.43 -23.78
N GLY A 69 -12.68 9.24 -23.58
CA GLY A 69 -12.01 8.01 -23.98
C GLY A 69 -10.91 7.56 -23.06
N ASN A 70 -10.69 8.25 -21.94
CA ASN A 70 -9.66 7.85 -21.00
C ASN A 70 -10.09 6.60 -20.25
N HIS A 71 -9.12 5.76 -19.94
CA HIS A 71 -9.38 4.56 -19.17
C HIS A 71 -9.10 4.80 -17.69
N TYR A 72 -9.88 4.13 -16.86
CA TYR A 72 -9.80 4.26 -15.41
C TYR A 72 -10.05 2.89 -14.79
N ALA A 73 -9.62 2.75 -13.55
CA ALA A 73 -9.97 1.62 -12.70
C ALA A 73 -11.06 2.08 -11.75
N MET A 74 -12.25 1.48 -11.85
CA MET A 74 -13.39 1.86 -11.02
C MET A 74 -13.58 0.79 -9.96
N LYS A 75 -13.42 1.19 -8.69
CA LYS A 75 -13.76 0.31 -7.58
C LYS A 75 -15.23 0.50 -7.25
N ILE A 76 -15.98 -0.61 -7.23
CA ILE A 76 -17.41 -0.64 -6.96
C ILE A 76 -17.60 -1.34 -5.62
N LEU A 77 -18.21 -0.66 -4.66
CA LEU A 77 -18.51 -1.25 -3.36
C LEU A 77 -20.01 -1.33 -3.17
N ASP A 78 -20.50 -2.52 -2.88
CA ASP A 78 -21.92 -2.71 -2.58
C ASP A 78 -22.22 -2.18 -1.18
N LYS A 79 -23.10 -1.17 -1.09
CA LYS A 79 -23.32 -0.51 0.18
C LYS A 79 -23.82 -1.47 1.25
N GLN A 80 -24.73 -2.38 0.87
CA GLN A 80 -25.23 -3.32 1.86
C GLN A 80 -24.12 -4.22 2.36
N LYS A 81 -23.20 -4.64 1.48
CA LYS A 81 -22.10 -5.51 1.89
C LYS A 81 -21.15 -4.75 2.80
N VAL A 82 -21.03 -3.44 2.60
CA VAL A 82 -20.31 -2.62 3.58
C VAL A 82 -21.27 -2.60 4.77
N VAL A 83 -21.39 -3.75 5.45
CA VAL A 83 -22.35 -3.92 6.54
C VAL A 83 -21.69 -3.73 7.90
N LYS A 84 -20.49 -4.30 8.04
CA LYS A 84 -19.68 -4.19 9.25
C LYS A 84 -19.49 -2.73 9.64
N LEU A 85 -19.57 -2.44 10.95
CA LEU A 85 -19.38 -1.07 11.40
C LEU A 85 -18.07 -0.51 10.87
N LYS A 86 -16.96 -1.21 11.12
N LYS A 86 -16.97 -1.20 11.13
CA LYS A 86 -15.67 -0.72 10.69
CA LYS A 86 -15.67 -0.70 10.69
C LYS A 86 -15.60 -0.61 9.17
C LYS A 86 -15.58 -0.63 9.17
N GLN A 87 -16.43 -1.36 8.45
CA GLN A 87 -16.48 -1.24 6.99
C GLN A 87 -16.88 0.17 6.54
N ILE A 88 -17.93 0.75 7.14
CA ILE A 88 -18.43 2.07 6.75
C ILE A 88 -17.36 3.16 6.95
N GLU A 89 -16.86 3.28 8.18
CA GLU A 89 -15.85 4.28 8.51
C GLU A 89 -14.63 4.13 7.61
N HIS A 90 -14.23 2.89 7.36
CA HIS A 90 -13.06 2.64 6.53
C HIS A 90 -13.27 3.11 5.10
N THR A 91 -14.48 2.92 4.53
N THR A 91 -14.47 2.94 4.56
CA THR A 91 -14.72 3.42 3.17
CA THR A 91 -14.74 3.40 3.20
C THR A 91 -14.66 4.93 3.13
C THR A 91 -14.71 4.91 3.12
N LEU A 92 -15.18 5.60 4.17
CA LEU A 92 -15.10 7.05 4.21
C LEU A 92 -13.65 7.50 4.34
N ASN A 93 -12.85 6.81 5.16
CA ASN A 93 -11.42 7.11 5.29
C ASN A 93 -10.76 7.04 3.92
N GLU A 94 -11.02 5.95 3.21
CA GLU A 94 -10.37 5.71 1.93
C GLU A 94 -10.61 6.84 0.95
N LYS A 95 -11.89 7.23 0.76
CA LYS A 95 -12.20 8.31 -0.16
C LYS A 95 -11.53 9.61 0.28
N ARG A 96 -11.69 9.96 1.55
CA ARG A 96 -11.20 11.26 2.01
C ARG A 96 -9.68 11.35 1.90
N ILE A 97 -8.98 10.27 2.24
CA ILE A 97 -7.53 10.28 2.15
C ILE A 97 -7.09 10.35 0.69
N LEU A 98 -7.69 9.53 -0.16
CA LEU A 98 -7.24 9.50 -1.55
C LEU A 98 -7.50 10.82 -2.26
N GLN A 99 -8.57 11.53 -1.90
N GLN A 99 -8.59 11.53 -1.90
CA GLN A 99 -8.83 12.84 -2.50
CA GLN A 99 -8.85 12.86 -2.44
C GLN A 99 -7.90 13.94 -2.00
C GLN A 99 -7.72 13.83 -2.12
N ALA A 100 -7.14 13.70 -0.92
CA ALA A 100 -6.30 14.74 -0.35
C ALA A 100 -4.80 14.52 -0.55
N VAL A 101 -4.35 13.28 -0.78
CA VAL A 101 -2.91 13.02 -0.88
C VAL A 101 -2.42 13.34 -2.29
N ASN A 102 -1.11 13.47 -2.41
CA ASN A 102 -0.45 13.71 -3.69
C ASN A 102 0.99 13.27 -3.53
N PHE A 103 1.36 12.17 -4.18
CA PHE A 103 2.72 11.65 -4.11
C PHE A 103 2.94 10.78 -5.33
N PRO A 104 4.18 10.66 -5.82
CA PRO A 104 4.36 10.00 -7.13
C PRO A 104 4.07 8.52 -7.13
N PHE A 105 4.05 7.89 -5.95
CA PHE A 105 3.87 6.45 -5.85
C PHE A 105 2.52 6.08 -5.25
N LEU A 106 1.56 7.01 -5.27
CA LEU A 106 0.21 6.77 -4.77
C LEU A 106 -0.75 6.90 -5.94
N VAL A 107 -1.67 5.94 -6.06
CA VAL A 107 -2.65 6.03 -7.14
C VAL A 107 -3.47 7.31 -7.03
N LYS A 108 -3.83 7.87 -8.17
CA LYS A 108 -4.59 9.12 -8.21
C LYS A 108 -6.08 8.84 -8.38
N LEU A 109 -6.88 9.33 -7.42
CA LEU A 109 -8.32 9.25 -7.51
C LEU A 109 -8.84 10.40 -8.35
N GLU A 110 -9.66 10.08 -9.34
CA GLU A 110 -10.20 11.05 -10.27
C GLU A 110 -11.66 11.39 -10.03
N PHE A 111 -12.50 10.41 -9.72
CA PHE A 111 -13.90 10.67 -9.42
C PHE A 111 -14.37 9.79 -8.28
N SER A 112 -15.40 10.24 -7.59
CA SER A 112 -16.10 9.37 -6.66
C SER A 112 -17.57 9.75 -6.68
N PHE A 113 -18.44 8.75 -6.54
CA PHE A 113 -19.88 9.00 -6.56
C PHE A 113 -20.58 7.78 -5.98
N LYS A 114 -21.90 7.89 -5.79
CA LYS A 114 -22.68 6.79 -5.24
C LYS A 114 -24.03 6.77 -5.94
N ASP A 115 -24.70 5.63 -5.86
CA ASP A 115 -26.06 5.51 -6.36
C ASP A 115 -26.87 4.71 -5.34
N ASN A 116 -28.04 4.23 -5.75
CA ASN A 116 -28.89 3.52 -4.81
C ASN A 116 -28.20 2.32 -4.19
N SER A 117 -27.33 1.65 -4.94
CA SER A 117 -26.78 0.38 -4.48
C SER A 117 -25.32 0.43 -4.10
N ASN A 118 -24.53 1.26 -4.76
CA ASN A 118 -23.08 1.14 -4.70
C ASN A 118 -22.41 2.48 -4.38
N LEU A 119 -21.17 2.36 -3.90
CA LEU A 119 -20.20 3.45 -3.86
C LEU A 119 -19.19 3.19 -4.96
N TYR A 120 -18.68 4.27 -5.56
CA TYR A 120 -17.74 4.16 -6.66
C TYR A 120 -16.53 5.06 -6.44
N MET A 121 -15.33 4.53 -6.64
CA MET A 121 -14.11 5.34 -6.64
C MET A 121 -13.35 5.04 -7.92
N VAL A 122 -13.09 6.06 -8.70
CA VAL A 122 -12.56 5.95 -10.05
C VAL A 122 -11.15 6.49 -10.03
N MET A 123 -10.17 5.62 -10.27
CA MET A 123 -8.76 5.91 -10.18
C MET A 123 -8.11 5.84 -11.56
N GLU A 124 -6.96 6.49 -11.69
CA GLU A 124 -6.13 6.30 -12.86
C GLU A 124 -5.85 4.80 -13.06
N TYR A 125 -5.95 4.35 -14.31
CA TYR A 125 -5.63 2.96 -14.62
C TYR A 125 -4.12 2.80 -14.74
N VAL A 126 -3.57 1.84 -14.00
CA VAL A 126 -2.13 1.55 -14.01
C VAL A 126 -1.96 0.21 -14.72
N PRO A 127 -1.51 0.19 -15.97
CA PRO A 127 -1.69 -1.02 -16.80
C PRO A 127 -0.64 -2.10 -16.63
N GLY A 128 0.40 -1.87 -15.84
CA GLY A 128 1.46 -2.84 -15.79
C GLY A 128 1.20 -4.04 -14.90
N GLY A 129 0.07 -4.09 -14.20
CA GLY A 129 -0.27 -5.23 -13.37
C GLY A 129 0.22 -5.06 -11.94
N GLU A 130 -0.22 -6.00 -11.10
CA GLU A 130 0.18 -6.04 -9.70
C GLU A 130 1.57 -6.65 -9.55
N MET A 131 2.34 -6.09 -8.62
CA MET A 131 3.60 -6.73 -8.24
C MET A 131 3.39 -8.19 -7.92
N PHE A 132 2.26 -8.50 -7.28
CA PHE A 132 1.95 -9.87 -6.89
C PHE A 132 2.13 -10.86 -8.03
N SER A 133 1.53 -10.60 -9.19
N SER A 133 1.47 -10.60 -9.17
CA SER A 133 1.58 -11.64 -10.22
CA SER A 133 1.53 -11.48 -10.33
C SER A 133 2.96 -11.70 -10.88
C SER A 133 2.97 -11.68 -10.77
N HIS A 134 3.67 -10.57 -11.02
CA HIS A 134 5.03 -10.62 -11.52
C HIS A 134 5.94 -11.40 -10.57
N LEU A 135 5.79 -11.17 -9.25
CA LEU A 135 6.60 -11.88 -8.28
C LEU A 135 6.31 -13.37 -8.28
N ARG A 136 5.04 -13.75 -8.31
CA ARG A 136 4.71 -15.17 -8.33
C ARG A 136 5.20 -15.84 -9.62
N ARG A 137 5.19 -15.11 -10.73
CA ARG A 137 5.62 -15.66 -12.01
C ARG A 137 7.12 -15.88 -12.04
N ILE A 138 7.91 -14.90 -11.59
CA ILE A 138 9.36 -15.00 -11.63
C ILE A 138 9.93 -15.78 -10.46
N GLY A 139 9.19 -15.87 -9.35
CA GLY A 139 9.67 -16.53 -8.16
C GLY A 139 10.10 -15.54 -7.10
N ARG A 140 11.23 -14.89 -7.30
N ARG A 140 11.24 -14.89 -7.31
CA ARG A 140 11.72 -13.88 -6.38
CA ARG A 140 11.74 -13.90 -6.39
C ARG A 140 12.48 -12.83 -7.16
C ARG A 140 12.46 -12.81 -7.18
N PHE A 141 12.58 -11.64 -6.56
CA PHE A 141 13.34 -10.56 -7.14
C PHE A 141 14.76 -10.59 -6.55
N SEP A 142 15.74 -10.22 -7.35
CA SEP A 142 17.11 -10.07 -6.83
CB SEP A 142 18.07 -9.80 -7.97
OG SEP A 142 17.86 -8.47 -8.43
C SEP A 142 17.13 -8.89 -5.83
O SEP A 142 16.24 -8.06 -5.83
P SEP A 142 18.55 -8.15 -9.84
O1P SEP A 142 18.39 -6.59 -10.06
O2P SEP A 142 20.10 -8.53 -9.85
O3P SEP A 142 17.72 -8.96 -10.97
H SEP A 142 15.66 -10.06 -8.18
HA SEP A 142 17.39 -10.89 -6.37
HB2 SEP A 142 17.91 -10.43 -8.69
HB3 SEP A 142 18.99 -9.89 -7.65
N GLU A 143 18.15 -8.82 -4.99
CA GLU A 143 18.17 -7.76 -3.98
C GLU A 143 18.12 -6.34 -4.57
N PRO A 144 18.86 -6.05 -5.65
CA PRO A 144 18.74 -4.69 -6.21
C PRO A 144 17.34 -4.36 -6.69
N HIS A 145 16.67 -5.34 -7.29
CA HIS A 145 15.31 -5.17 -7.77
C HIS A 145 14.35 -4.94 -6.60
N ALA A 146 14.43 -5.81 -5.58
CA ALA A 146 13.62 -5.62 -4.38
C ALA A 146 13.89 -4.27 -3.73
N ARG A 147 15.16 -3.85 -3.74
N ARG A 147 15.15 -3.83 -3.73
CA ARG A 147 15.57 -2.59 -3.13
CA ARG A 147 15.51 -2.58 -3.08
C ARG A 147 14.92 -1.38 -3.82
C ARG A 147 14.91 -1.38 -3.82
N PHE A 148 14.89 -1.42 -5.15
CA PHE A 148 14.25 -0.35 -5.93
C PHE A 148 12.80 -0.16 -5.55
N TYR A 149 12.06 -1.26 -5.40
CA TYR A 149 10.66 -1.15 -4.96
C TYR A 149 10.57 -0.73 -3.49
N ALA A 150 11.39 -1.33 -2.63
CA ALA A 150 11.34 -0.99 -1.21
C ALA A 150 11.59 0.50 -0.98
N ALA A 151 12.51 1.09 -1.73
CA ALA A 151 12.81 2.51 -1.55
C ALA A 151 11.58 3.36 -1.80
N GLN A 152 10.78 2.99 -2.78
CA GLN A 152 9.56 3.73 -3.06
C GLN A 152 8.57 3.61 -1.93
N ILE A 153 8.47 2.41 -1.34
CA ILE A 153 7.58 2.26 -0.19
C ILE A 153 8.08 3.07 1.00
N VAL A 154 9.41 3.09 1.26
CA VAL A 154 9.94 3.87 2.37
C VAL A 154 9.56 5.34 2.22
N LEU A 155 9.75 5.90 1.02
CA LEU A 155 9.43 7.30 0.80
C LEU A 155 7.92 7.55 0.92
N THR A 156 7.11 6.63 0.41
CA THR A 156 5.66 6.77 0.51
C THR A 156 5.20 6.76 1.96
N PHE A 157 5.76 5.86 2.78
CA PHE A 157 5.40 5.85 4.18
C PHE A 157 5.94 7.07 4.91
N GLU A 158 7.14 7.54 4.56
CA GLU A 158 7.62 8.78 5.17
C GLU A 158 6.62 9.91 4.92
N TYR A 159 6.14 10.01 3.68
CA TYR A 159 5.13 10.99 3.32
C TYR A 159 3.83 10.78 4.10
N LEU A 160 3.27 9.57 4.05
CA LEU A 160 1.98 9.34 4.68
C LEU A 160 2.07 9.57 6.19
N HIS A 161 3.12 9.04 6.82
CA HIS A 161 3.20 9.14 8.28
C HIS A 161 3.36 10.59 8.72
N SER A 162 4.01 11.42 7.89
CA SER A 162 4.18 12.82 8.26
C SER A 162 2.85 13.53 8.31
N LEU A 163 1.85 13.00 7.60
CA LEU A 163 0.50 13.50 7.59
C LEU A 163 -0.37 12.83 8.63
N ASP A 164 0.24 12.04 9.53
CA ASP A 164 -0.45 11.23 10.53
C ASP A 164 -1.37 10.21 9.89
N LEU A 165 -1.00 9.71 8.71
CA LEU A 165 -1.74 8.64 8.04
C LEU A 165 -1.00 7.33 8.15
N ILE A 166 -1.71 6.30 8.60
N ILE A 166 -1.72 6.28 8.55
CA ILE A 166 -1.21 4.94 8.57
CA ILE A 166 -1.19 4.93 8.56
C ILE A 166 -1.87 4.24 7.38
C ILE A 166 -1.90 4.12 7.49
N TYR A 167 -1.13 3.32 6.75
CA TYR A 167 -1.62 2.68 5.53
C TYR A 167 -2.32 1.34 5.81
N ARG A 168 -1.67 0.46 6.56
CA ARG A 168 -2.27 -0.73 7.18
C ARG A 168 -2.64 -1.85 6.21
N ASP A 169 -2.24 -1.82 4.95
CA ASP A 169 -2.47 -3.00 4.12
C ASP A 169 -1.36 -3.20 3.08
N LEU A 170 -0.10 -3.01 3.47
CA LEU A 170 0.98 -3.25 2.52
C LEU A 170 1.05 -4.74 2.16
N LYS A 171 1.15 -5.03 0.89
CA LYS A 171 1.36 -6.38 0.35
C LYS A 171 1.50 -6.27 -1.17
N PRO A 172 2.10 -7.26 -1.85
CA PRO A 172 2.31 -7.13 -3.30
C PRO A 172 1.03 -6.98 -4.11
N GLU A 173 -0.08 -7.52 -3.60
CA GLU A 173 -1.36 -7.40 -4.29
C GLU A 173 -1.79 -5.94 -4.49
N ASN A 174 -1.33 -5.05 -3.61
CA ASN A 174 -1.74 -3.66 -3.57
C ASN A 174 -0.73 -2.73 -4.23
N LEU A 175 0.30 -3.27 -4.87
CA LEU A 175 1.36 -2.46 -5.48
C LEU A 175 1.31 -2.66 -6.99
N LEU A 176 0.89 -1.64 -7.71
CA LEU A 176 0.77 -1.71 -9.16
C LEU A 176 2.06 -1.21 -9.81
N ILE A 177 2.41 -1.80 -10.93
CA ILE A 177 3.60 -1.38 -11.68
C ILE A 177 3.14 -0.51 -12.85
N ASP A 178 3.69 0.71 -12.93
CA ASP A 178 3.31 1.66 -13.96
C ASP A 178 4.14 1.48 -15.22
N GLN A 179 3.87 2.32 -16.22
CA GLN A 179 4.49 2.16 -17.53
C GLN A 179 5.99 2.43 -17.50
N GLN A 180 6.51 3.06 -16.45
CA GLN A 180 7.93 3.27 -16.28
C GLN A 180 8.58 2.28 -15.32
N GLY A 181 7.83 1.31 -14.82
CA GLY A 181 8.38 0.33 -13.90
C GLY A 181 8.40 0.76 -12.46
N TYR A 182 7.77 1.89 -12.14
CA TYR A 182 7.67 2.36 -10.77
C TYR A 182 6.36 1.88 -10.15
N ILE A 183 6.26 2.02 -8.83
N ILE A 183 6.25 2.09 -8.85
CA ILE A 183 5.11 1.52 -8.08
CA ILE A 183 5.16 1.58 -8.02
C ILE A 183 4.07 2.60 -7.92
C ILE A 183 4.05 2.63 -7.91
N GLN A 184 2.81 2.17 -7.95
CA GLN A 184 1.67 2.93 -7.46
C GLN A 184 0.96 2.11 -6.39
N VAL A 185 0.87 2.64 -5.19
CA VAL A 185 0.15 2.00 -4.10
C VAL A 185 -1.33 2.26 -4.29
N THR A 186 -2.12 1.20 -4.24
CA THR A 186 -3.55 1.29 -4.31
C THR A 186 -4.18 0.63 -3.08
N ASP A 187 -5.49 0.72 -3.02
CA ASP A 187 -6.30 0.15 -1.95
C ASP A 187 -6.02 0.82 -0.61
N PHE A 188 -6.67 1.98 -0.41
CA PHE A 188 -6.59 2.72 0.85
C PHE A 188 -7.73 2.37 1.78
N GLY A 189 -8.30 1.18 1.64
CA GLY A 189 -9.44 0.77 2.44
C GLY A 189 -9.17 0.68 3.92
N PHE A 190 -7.92 0.52 4.34
CA PHE A 190 -7.59 0.52 5.76
C PHE A 190 -6.79 1.73 6.21
N ALA A 191 -6.53 2.66 5.31
CA ALA A 191 -5.77 3.83 5.68
C ALA A 191 -6.58 4.72 6.62
N LYS A 192 -5.87 5.38 7.55
CA LYS A 192 -6.56 6.14 8.58
C LYS A 192 -5.66 7.26 9.09
N ARG A 193 -6.25 8.39 9.43
CA ARG A 193 -5.53 9.43 10.15
C ARG A 193 -5.54 9.12 11.65
N VAL A 194 -4.34 8.97 12.22
CA VAL A 194 -4.13 8.49 13.59
C VAL A 194 -3.04 9.38 14.18
N LYS A 195 -3.39 10.18 15.17
CA LYS A 195 -2.37 11.04 15.77
C LYS A 195 -1.50 10.29 16.76
N GLY A 196 -2.05 9.31 17.43
CA GLY A 196 -1.28 8.48 18.33
C GLY A 196 -1.49 7.01 18.07
N ARG A 197 -2.39 6.39 18.82
CA ARG A 197 -2.70 4.98 18.64
C ARG A 197 -4.11 4.78 18.07
N THR A 198 -4.32 3.59 17.53
CA THR A 198 -5.63 3.14 17.05
C THR A 198 -5.78 1.67 17.44
N TRP A 199 -7.01 1.16 17.33
CA TRP A 199 -7.34 -0.13 17.93
C TRP A 199 -8.03 -1.14 17.02
N TPO A 200 -8.34 -0.80 15.76
CA TPO A 200 -9.10 -1.73 14.91
CB TPO A 200 -9.56 -1.05 13.64
CG2 TPO A 200 -10.50 -2.00 12.87
OG1 TPO A 200 -10.29 0.10 14.00
P TPO A 200 -9.69 1.50 13.46
O1P TPO A 200 -10.55 2.60 14.22
O2P TPO A 200 -9.85 1.56 11.99
O3P TPO A 200 -8.19 1.49 13.90
C TPO A 200 -8.25 -2.94 14.56
O TPO A 200 -7.10 -2.81 14.12
H TPO A 200 -8.13 -0.05 15.38
HA TPO A 200 -9.89 -2.05 15.39
HB TPO A 200 -8.71 -0.78 13.02
HG21 TPO A 200 -10.83 -1.51 11.95
HG22 TPO A 200 -11.36 -2.24 13.49
HG23 TPO A 200 -9.97 -2.91 12.61
N LEU A 201 -8.81 -4.14 14.67
CA LEU A 201 -8.13 -5.35 14.25
C LEU A 201 -8.33 -5.52 12.76
N CYS A 202 -7.41 -5.07 11.92
CA CYS A 202 -7.59 -5.14 10.48
C CYS A 202 -6.24 -5.26 9.80
N GLY A 203 -6.26 -5.75 8.58
CA GLY A 203 -5.09 -5.95 7.75
C GLY A 203 -5.16 -7.30 7.07
N THR A 204 -4.01 -7.73 6.57
CA THR A 204 -3.91 -9.04 5.94
C THR A 204 -3.03 -9.93 6.78
N PRO A 205 -3.45 -11.16 7.12
CA PRO A 205 -2.74 -11.97 8.12
C PRO A 205 -1.23 -12.00 8.05
N GLU A 206 -0.68 -12.35 6.88
CA GLU A 206 0.75 -12.50 6.75
C GLU A 206 1.52 -11.21 7.05
N TYR A 207 0.87 -10.06 6.95
CA TYR A 207 1.50 -8.75 7.07
C TYR A 207 1.23 -8.06 8.41
N LEU A 208 0.44 -8.67 9.30
CA LEU A 208 0.07 -8.05 10.56
C LEU A 208 1.22 -8.01 11.54
N ALA A 209 1.43 -6.86 12.15
CA ALA A 209 2.39 -6.73 13.22
C ALA A 209 1.88 -7.46 14.46
N PRO A 210 2.78 -7.92 15.34
CA PRO A 210 2.33 -8.66 16.53
C PRO A 210 1.37 -7.88 17.40
N GLU A 211 1.59 -6.58 17.55
CA GLU A 211 0.73 -5.78 18.41
C GLU A 211 -0.70 -5.74 17.89
N ILE A 212 -0.93 -5.85 16.57
CA ILE A 212 -2.31 -5.91 16.07
C ILE A 212 -2.94 -7.21 16.53
N ILE A 213 -2.24 -8.32 16.28
CA ILE A 213 -2.73 -9.65 16.64
C ILE A 213 -3.05 -9.75 18.12
N LEU A 214 -2.24 -9.11 18.95
CA LEU A 214 -2.39 -9.19 20.41
C LEU A 214 -3.42 -8.20 20.96
N SER A 215 -4.19 -7.54 20.09
CA SER A 215 -5.27 -6.64 20.54
C SER A 215 -4.73 -5.50 21.40
N LYS A 216 -3.55 -5.00 21.05
CA LYS A 216 -2.95 -3.85 21.70
C LYS A 216 -3.16 -2.64 20.81
N GLY A 217 -3.41 -1.48 21.43
CA GLY A 217 -3.42 -0.26 20.66
C GLY A 217 -2.08 -0.05 19.99
N TYR A 218 -2.10 0.43 18.76
CA TYR A 218 -0.89 0.43 17.95
C TYR A 218 -0.80 1.71 17.13
N ASN A 219 0.38 1.93 16.53
CA ASN A 219 0.69 3.17 15.83
C ASN A 219 1.28 2.88 14.46
N LYS A 220 1.87 3.90 13.83
CA LYS A 220 2.40 3.78 12.49
C LYS A 220 3.53 2.75 12.36
N ALA A 221 4.11 2.31 13.47
CA ALA A 221 5.13 1.26 13.40
C ALA A 221 4.62 -0.04 12.79
N VAL A 222 3.30 -0.26 12.74
CA VAL A 222 2.81 -1.47 12.07
C VAL A 222 3.15 -1.45 10.59
N ASP A 223 3.23 -0.25 9.98
CA ASP A 223 3.59 -0.13 8.58
C ASP A 223 5.05 -0.49 8.35
N TRP A 224 5.92 -0.19 9.31
CA TRP A 224 7.33 -0.53 9.17
C TRP A 224 7.55 -2.03 9.34
N TRP A 225 6.83 -2.67 10.27
CA TRP A 225 6.81 -4.12 10.33
C TRP A 225 6.39 -4.70 8.98
N ALA A 226 5.28 -4.19 8.43
CA ALA A 226 4.80 -4.69 7.14
C ALA A 226 5.83 -4.49 6.02
N LEU A 227 6.59 -3.40 6.06
CA LEU A 227 7.66 -3.23 5.09
C LEU A 227 8.69 -4.36 5.19
N GLY A 228 9.03 -4.76 6.43
CA GLY A 228 9.90 -5.92 6.59
C GLY A 228 9.34 -7.18 5.96
N VAL A 229 8.04 -7.43 6.15
CA VAL A 229 7.41 -8.59 5.52
C VAL A 229 7.51 -8.48 4.00
N LEU A 230 7.23 -7.30 3.44
CA LEU A 230 7.24 -7.10 2.01
C LEU A 230 8.64 -7.31 1.43
N ILE A 231 9.65 -6.72 2.06
CA ILE A 231 11.01 -6.88 1.53
C ILE A 231 11.40 -8.36 1.57
N TYR A 232 11.12 -9.03 2.69
CA TYR A 232 11.39 -10.46 2.77
C TYR A 232 10.71 -11.22 1.63
N GLU A 233 9.40 -10.97 1.43
CA GLU A 233 8.69 -11.70 0.40
C GLU A 233 9.21 -11.40 -1.01
N MET A 234 9.53 -10.13 -1.28
CA MET A 234 10.10 -9.80 -2.58
C MET A 234 11.39 -10.55 -2.82
N ALA A 235 12.26 -10.62 -1.81
CA ALA A 235 13.59 -11.19 -1.98
C ALA A 235 13.60 -12.72 -1.86
N ALA A 236 12.64 -13.31 -1.13
CA ALA A 236 12.58 -14.76 -0.96
C ALA A 236 11.59 -15.43 -1.90
N GLY A 237 10.49 -14.74 -2.22
CA GLY A 237 9.39 -15.31 -2.98
C GLY A 237 8.25 -15.78 -2.14
N TYR A 238 8.38 -15.72 -0.83
CA TYR A 238 7.34 -16.12 0.11
C TYR A 238 7.57 -15.28 1.35
N PRO A 239 6.52 -15.03 2.14
CA PRO A 239 6.69 -14.16 3.30
C PRO A 239 7.28 -14.92 4.49
N PRO A 240 7.70 -14.19 5.53
CA PRO A 240 8.45 -14.82 6.64
C PRO A 240 7.59 -15.67 7.57
N PHE A 241 6.30 -15.39 7.66
CA PHE A 241 5.39 -16.10 8.55
C PHE A 241 4.33 -16.72 7.62
N PHE A 242 4.49 -18.01 7.35
CA PHE A 242 3.92 -18.65 6.16
C PHE A 242 3.28 -19.94 6.65
N ALA A 243 1.95 -19.99 6.55
CA ALA A 243 1.19 -21.18 6.96
C ALA A 243 -0.16 -21.16 6.27
N ASP A 244 -0.81 -22.32 6.23
CA ASP A 244 -2.05 -22.44 5.47
C ASP A 244 -3.21 -21.70 6.11
N GLN A 245 -3.26 -21.60 7.45
CA GLN A 245 -4.41 -21.00 8.12
C GLN A 245 -4.00 -19.75 8.90
N PRO A 246 -4.85 -18.71 8.91
CA PRO A 246 -4.51 -17.51 9.69
C PRO A 246 -4.07 -17.76 11.12
N ILE A 247 -4.72 -18.65 11.88
CA ILE A 247 -4.31 -18.82 13.27
C ILE A 247 -2.86 -19.29 13.36
N GLN A 248 -2.43 -20.14 12.42
CA GLN A 248 -1.04 -20.60 12.43
C GLN A 248 -0.09 -19.47 12.07
N ILE A 249 -0.51 -18.62 11.13
CA ILE A 249 0.27 -17.44 10.78
C ILE A 249 0.46 -16.56 12.00
N TYR A 250 -0.62 -16.31 12.75
CA TYR A 250 -0.57 -15.40 13.90
C TYR A 250 0.39 -15.93 14.95
N GLU A 251 0.39 -17.25 15.18
CA GLU A 251 1.29 -17.85 16.17
C GLU A 251 2.75 -17.63 15.79
N LYS A 252 3.08 -17.75 14.49
CA LYS A 252 4.46 -17.51 14.06
C LYS A 252 4.86 -16.05 14.23
N ILE A 253 3.96 -15.13 13.93
CA ILE A 253 4.28 -13.71 14.00
C ILE A 253 4.64 -13.32 15.42
N VAL A 254 3.83 -13.77 16.39
N VAL A 254 3.83 -13.75 16.40
CA VAL A 254 4.01 -13.35 17.77
CA VAL A 254 4.05 -13.31 17.77
C VAL A 254 5.26 -13.99 18.37
C VAL A 254 5.19 -14.05 18.46
N SER A 255 5.63 -15.18 17.90
CA SER A 255 6.77 -15.91 18.48
C SER A 255 8.06 -15.10 18.53
N GLY A 256 8.27 -14.15 17.62
CA GLY A 256 9.54 -13.45 17.59
C GLY A 256 10.66 -14.22 16.92
N LYS A 257 10.35 -15.16 16.02
CA LYS A 257 11.36 -15.97 15.32
C LYS A 257 11.22 -15.75 13.82
N VAL A 258 12.32 -15.45 13.14
CA VAL A 258 12.35 -15.37 11.69
C VAL A 258 13.59 -16.10 11.21
N ARG A 259 13.41 -16.88 10.15
CA ARG A 259 14.49 -17.58 9.48
C ARG A 259 14.61 -17.06 8.07
N PHE A 260 15.83 -17.00 7.56
CA PHE A 260 16.10 -16.37 6.29
C PHE A 260 16.66 -17.37 5.28
N PRO A 261 16.36 -17.20 4.00
CA PRO A 261 17.02 -18.01 2.97
C PRO A 261 18.52 -17.80 2.99
N SER A 262 19.25 -18.87 2.65
CA SER A 262 20.72 -18.80 2.64
C SER A 262 21.25 -17.80 1.61
N HIS A 263 20.46 -17.39 0.62
CA HIS A 263 20.93 -16.41 -0.36
C HIS A 263 20.74 -14.97 0.07
N PHE A 264 20.05 -14.69 1.18
CA PHE A 264 19.94 -13.32 1.66
C PHE A 264 21.31 -12.81 2.11
N SER A 265 21.65 -11.59 1.68
CA SER A 265 22.86 -10.96 2.15
C SER A 265 22.73 -10.68 3.65
N SER A 266 23.89 -10.57 4.30
CA SER A 266 23.89 -10.19 5.71
C SER A 266 23.33 -8.80 5.93
N ASP A 267 23.57 -7.87 5.00
CA ASP A 267 22.98 -6.54 5.13
C ASP A 267 21.46 -6.62 5.13
N LEU A 268 20.90 -7.43 4.23
CA LEU A 268 19.45 -7.58 4.17
C LEU A 268 18.92 -8.21 5.46
N LYS A 269 19.57 -9.26 5.96
CA LYS A 269 19.10 -9.89 7.19
C LYS A 269 19.13 -8.91 8.34
N ASP A 270 20.17 -8.07 8.42
CA ASP A 270 20.24 -7.10 9.49
C ASP A 270 19.07 -6.11 9.44
N LEU A 271 18.80 -5.57 8.25
CA LEU A 271 17.66 -4.67 8.08
C LEU A 271 16.38 -5.36 8.50
N LEU A 272 16.19 -6.60 8.06
CA LEU A 272 14.94 -7.29 8.32
C LEU A 272 14.78 -7.63 9.79
N ARG A 273 15.87 -7.96 10.48
N ARG A 273 15.86 -7.97 10.48
CA ARG A 273 15.76 -8.23 11.92
CA ARG A 273 15.74 -8.24 11.92
C ARG A 273 15.35 -6.99 12.68
C ARG A 273 15.34 -6.99 12.69
N ASN A 274 15.71 -5.81 12.19
CA ASN A 274 15.34 -4.56 12.84
C ASN A 274 13.93 -4.06 12.45
N LEU A 275 13.39 -4.49 11.30
CA LEU A 275 12.01 -4.17 10.97
C LEU A 275 11.04 -5.17 11.58
N LEU A 276 11.37 -6.44 11.49
CA LEU A 276 10.57 -7.54 12.03
C LEU A 276 10.92 -7.75 13.50
N GLN A 277 10.89 -6.65 14.23
CA GLN A 277 11.25 -6.59 15.63
C GLN A 277 9.96 -6.50 16.45
N VAL A 278 9.70 -7.52 17.27
N VAL A 278 9.72 -7.51 17.29
CA VAL A 278 8.49 -7.49 18.09
CA VAL A 278 8.51 -7.53 18.11
C VAL A 278 8.53 -6.34 19.09
C VAL A 278 8.53 -6.45 19.19
N ASP A 279 9.72 -6.07 19.65
CA ASP A 279 9.85 -5.06 20.72
C ASP A 279 9.80 -3.67 20.09
N LEU A 280 8.72 -2.93 20.37
CA LEU A 280 8.53 -1.62 19.75
C LEU A 280 9.59 -0.61 20.17
N THR A 281 10.27 -0.82 21.29
CA THR A 281 11.35 0.09 21.67
C THR A 281 12.60 -0.13 20.85
N LYS A 282 12.60 -1.15 19.99
CA LYS A 282 13.75 -1.48 19.14
C LYS A 282 13.45 -1.52 17.65
N ARG A 283 12.20 -1.33 17.23
CA ARG A 283 11.86 -1.50 15.81
C ARG A 283 12.24 -0.27 15.00
N PHE A 284 12.97 -0.49 13.93
CA PHE A 284 13.33 0.60 13.04
C PHE A 284 12.07 1.26 12.49
N GLY A 285 12.15 2.58 12.37
CA GLY A 285 11.03 3.40 12.03
C GLY A 285 10.32 3.94 13.24
N ASN A 286 10.57 3.34 14.40
CA ASN A 286 9.88 3.69 15.64
C ASN A 286 10.82 4.27 16.69
N LEU A 287 12.03 4.63 16.31
CA LEU A 287 13.05 5.09 17.25
C LEU A 287 13.23 6.59 17.11
N LYS A 288 14.14 7.14 17.94
CA LYS A 288 14.34 8.58 17.95
C LYS A 288 14.69 9.13 16.57
N ASN A 289 15.45 8.36 15.77
N ASN A 289 15.44 8.37 15.76
CA ASN A 289 15.88 8.78 14.44
CA ASN A 289 15.83 8.84 14.43
C ASN A 289 14.81 8.52 13.38
C ASN A 289 14.81 8.49 13.36
N GLY A 290 13.67 7.95 13.74
CA GLY A 290 12.56 7.76 12.81
C GLY A 290 12.96 7.00 11.56
N VAL A 291 12.47 7.48 10.42
CA VAL A 291 12.70 6.81 9.15
C VAL A 291 14.17 6.80 8.75
N ASN A 292 14.99 7.69 9.32
CA ASN A 292 16.39 7.72 8.93
C ASN A 292 17.15 6.47 9.34
N ASP A 293 16.71 5.74 10.36
CA ASP A 293 17.35 4.47 10.66
C ASP A 293 17.21 3.50 9.50
N ILE A 294 16.11 3.61 8.76
CA ILE A 294 15.91 2.77 7.58
C ILE A 294 16.67 3.34 6.39
N LYS A 295 16.51 4.63 6.12
CA LYS A 295 17.09 5.21 4.92
C LYS A 295 18.61 5.17 4.93
N ASN A 296 19.22 5.19 6.12
CA ASN A 296 20.66 5.20 6.27
C ASN A 296 21.24 3.83 6.54
N HIS A 297 20.40 2.79 6.51
CA HIS A 297 20.89 1.43 6.70
C HIS A 297 21.78 1.02 5.52
N LYS A 298 22.76 0.18 5.83
CA LYS A 298 23.72 -0.30 4.82
C LYS A 298 23.04 -0.92 3.61
N TRP A 299 21.93 -1.63 3.79
CA TRP A 299 21.29 -2.24 2.64
C TRP A 299 20.83 -1.21 1.62
N PHE A 300 20.56 0.02 2.06
CA PHE A 300 20.14 1.09 1.18
C PHE A 300 21.29 2.04 0.80
N ALA A 301 22.53 1.64 1.04
CA ALA A 301 23.65 2.57 0.82
C ALA A 301 23.76 3.02 -0.63
N THR A 302 23.37 2.19 -1.60
CA THR A 302 23.43 2.57 -3.01
C THR A 302 22.21 3.34 -3.48
N THR A 303 21.22 3.55 -2.60
CA THR A 303 19.97 4.19 -3.00
C THR A 303 20.10 5.71 -2.97
N ASP A 304 19.81 6.32 -4.10
CA ASP A 304 19.75 7.78 -4.22
C ASP A 304 18.28 8.13 -4.01
N TRP A 305 17.94 8.52 -2.77
CA TRP A 305 16.56 8.75 -2.39
C TRP A 305 15.91 9.82 -3.26
N ILE A 306 16.63 10.91 -3.53
CA ILE A 306 16.05 11.97 -4.34
C ILE A 306 15.84 11.49 -5.76
N ALA A 307 16.79 10.74 -6.31
CA ALA A 307 16.65 10.23 -7.67
C ALA A 307 15.47 9.28 -7.80
N ILE A 308 15.22 8.44 -6.78
CA ILE A 308 14.04 7.59 -6.79
C ILE A 308 12.77 8.45 -6.83
N TYR A 309 12.69 9.45 -5.94
CA TYR A 309 11.52 10.32 -5.87
C TYR A 309 11.28 11.01 -7.20
N GLN A 310 12.36 11.52 -7.80
CA GLN A 310 12.26 12.23 -9.07
C GLN A 310 12.12 11.26 -10.24
N ARG A 311 12.11 9.96 -9.96
CA ARG A 311 11.91 8.92 -10.98
C ARG A 311 13.05 8.93 -12.02
N LYS A 312 14.27 9.24 -11.57
CA LYS A 312 15.43 9.33 -12.45
C LYS A 312 16.17 7.99 -12.59
N VAL A 313 15.80 7.00 -11.79
CA VAL A 313 16.51 5.73 -11.73
C VAL A 313 15.89 4.77 -12.74
N GLU A 314 16.73 4.07 -13.48
CA GLU A 314 16.25 3.08 -14.43
C GLU A 314 15.60 1.92 -13.69
N ALA A 315 14.36 1.61 -14.04
CA ALA A 315 13.65 0.55 -13.36
C ALA A 315 14.18 -0.82 -13.77
N PRO A 316 14.06 -1.82 -12.90
CA PRO A 316 14.59 -3.14 -13.24
C PRO A 316 13.72 -3.87 -14.25
N PHE A 317 12.47 -3.47 -14.38
CA PHE A 317 11.50 -4.20 -15.17
C PHE A 317 10.49 -3.20 -15.70
N ILE A 318 10.27 -3.22 -17.01
CA ILE A 318 9.28 -2.36 -17.66
C ILE A 318 8.19 -3.26 -18.23
N PRO A 319 6.95 -3.20 -17.74
CA PRO A 319 5.90 -4.07 -18.30
C PRO A 319 5.64 -3.77 -19.76
N LYS A 320 5.24 -4.80 -20.49
CA LYS A 320 4.84 -4.65 -21.88
C LYS A 320 3.44 -4.04 -21.94
N PHE A 321 3.23 -3.16 -22.91
CA PHE A 321 1.96 -2.47 -23.04
C PHE A 321 1.62 -2.36 -24.51
N LYS A 322 0.41 -2.83 -24.87
CA LYS A 322 -0.01 -2.92 -26.26
C LYS A 322 -0.81 -1.71 -26.70
N GLY A 323 -1.25 -0.87 -25.76
CA GLY A 323 -2.00 0.31 -26.08
C GLY A 323 -2.94 0.66 -24.95
N PRO A 324 -3.62 1.79 -25.08
CA PRO A 324 -4.58 2.17 -24.04
C PRO A 324 -5.62 1.09 -23.84
N GLY A 325 -5.94 0.83 -22.58
CA GLY A 325 -6.92 -0.16 -22.21
C GLY A 325 -6.46 -1.60 -22.26
N ASP A 326 -5.18 -1.83 -22.54
CA ASP A 326 -4.64 -3.19 -22.53
C ASP A 326 -4.70 -3.75 -21.12
N THR A 327 -5.26 -4.96 -20.99
CA THR A 327 -5.35 -5.65 -19.69
C THR A 327 -4.48 -6.91 -19.64
N SER A 328 -3.54 -7.05 -20.57
CA SER A 328 -2.76 -8.28 -20.65
C SER A 328 -1.95 -8.58 -19.39
N ASN A 329 -1.62 -7.59 -18.56
CA ASN A 329 -0.81 -7.82 -17.37
C ASN A 329 -1.63 -8.15 -16.13
N PHE A 330 -2.95 -8.29 -16.28
CA PHE A 330 -3.84 -8.67 -15.18
C PHE A 330 -4.41 -10.06 -15.39
N ASP A 331 -4.68 -10.73 -14.28
CA ASP A 331 -5.36 -12.01 -14.29
C ASP A 331 -6.84 -11.82 -14.57
N ASP A 332 -7.51 -12.91 -14.94
CA ASP A 332 -8.94 -12.88 -15.22
C ASP A 332 -9.77 -13.19 -13.98
N TYR A 333 -10.98 -12.64 -13.96
CA TYR A 333 -11.93 -12.81 -12.87
C TYR A 333 -13.32 -13.05 -13.45
N GLU A 334 -14.16 -13.73 -12.66
CA GLU A 334 -15.55 -13.91 -13.05
C GLU A 334 -16.24 -12.55 -13.15
N GLU A 335 -17.01 -12.36 -14.22
CA GLU A 335 -17.72 -11.11 -14.48
C GLU A 335 -19.16 -11.23 -14.01
N GLU A 336 -19.68 -10.16 -13.42
CA GLU A 336 -21.05 -10.11 -12.95
C GLU A 336 -21.62 -8.73 -13.28
N GLU A 337 -22.86 -8.70 -13.77
CA GLU A 337 -23.46 -7.43 -14.18
C GLU A 337 -23.67 -6.54 -12.97
N ILE A 338 -23.46 -5.24 -13.16
CA ILE A 338 -23.70 -4.25 -12.10
C ILE A 338 -25.19 -3.95 -12.09
N ARG A 339 -25.88 -4.38 -11.04
CA ARG A 339 -27.32 -4.14 -10.89
C ARG A 339 -27.53 -3.01 -9.88
N VAL A 340 -28.23 -1.97 -10.31
CA VAL A 340 -28.58 -0.85 -9.44
C VAL A 340 -30.06 -0.91 -9.07
N SEP A 341 -30.32 -1.00 -7.77
CA SEP A 341 -31.69 -1.16 -7.27
CB SEP A 341 -31.65 -1.52 -5.78
OG SEP A 341 -32.93 -1.41 -5.19
C SEP A 341 -32.48 0.11 -7.50
O SEP A 341 -31.93 1.19 -7.63
P SEP A 341 -33.81 -2.75 -5.34
O1P SEP A 341 -34.85 -2.68 -4.12
O2P SEP A 341 -34.54 -2.76 -6.77
O3P SEP A 341 -32.87 -4.04 -5.11
H SEP A 341 -29.73 -0.99 -7.16
HA SEP A 341 -32.12 -1.89 -7.75
HB2 SEP A 341 -31.04 -0.93 -5.33
HB3 SEP A 341 -31.35 -2.44 -5.69
N ILE A 342 -33.80 -0.02 -7.57
CA ILE A 342 -34.65 1.14 -7.76
C ILE A 342 -34.87 1.88 -6.43
N ASN A 343 -34.49 1.25 -5.31
CA ASN A 343 -34.61 1.86 -3.99
C ASN A 343 -33.23 2.17 -3.42
N GLU A 344 -33.11 3.35 -2.80
CA GLU A 344 -31.86 3.73 -2.18
C GLU A 344 -31.56 2.83 -0.99
N LYS A 345 -30.35 2.29 -0.94
CA LYS A 345 -29.92 1.46 0.17
C LYS A 345 -28.95 2.24 1.05
N CYS A 346 -29.14 2.14 2.36
CA CYS A 346 -28.16 2.64 3.33
C CYS A 346 -27.84 4.12 3.10
N GLY A 347 -28.87 4.90 2.78
CA GLY A 347 -28.64 6.31 2.49
C GLY A 347 -28.10 7.08 3.68
N LYS A 348 -28.67 6.85 4.86
CA LYS A 348 -28.22 7.58 6.04
C LYS A 348 -26.79 7.22 6.40
N GLU A 349 -26.41 5.95 6.26
CA GLU A 349 -25.08 5.52 6.65
C GLU A 349 -23.98 6.13 5.79
N PHE A 350 -24.28 6.54 4.55
CA PHE A 350 -23.26 7.02 3.62
C PHE A 350 -23.47 8.48 3.20
N THR A 351 -24.20 9.25 4.00
CA THR A 351 -24.46 10.65 3.68
C THR A 351 -23.17 11.40 3.36
N GLU A 352 -22.09 11.10 4.06
CA GLU A 352 -20.84 11.85 3.92
C GLU A 352 -20.03 11.45 2.69
N PHE A 353 -20.35 10.34 2.04
CA PHE A 353 -19.54 9.86 0.93
C PHE A 353 -19.80 10.64 -0.36
N ALA B 3 4.57 -25.19 3.77
CA ALA B 3 3.28 -24.96 3.14
C ALA B 3 2.65 -23.68 3.64
N GLY B 4 2.19 -22.84 2.72
CA GLY B 4 1.49 -21.63 3.08
C GLY B 4 0.69 -21.13 1.90
N ARG B 5 0.14 -19.93 2.06
CA ARG B 5 -0.83 -19.43 1.08
C ARG B 5 -0.10 -18.80 -0.08
N THR B 6 -0.33 -19.32 -1.28
CA THR B 6 0.38 -18.83 -2.46
C THR B 6 -0.45 -17.96 -3.37
N GLY B 7 -1.78 -17.96 -3.22
CA GLY B 7 -2.63 -17.09 -4.00
C GLY B 7 -2.86 -15.73 -3.35
N ARG B 8 -3.72 -14.94 -3.99
CA ARG B 8 -3.98 -13.62 -3.44
C ARG B 8 -4.62 -13.72 -2.06
N ARG B 9 -4.23 -12.81 -1.20
CA ARG B 9 -4.61 -12.83 0.21
C ARG B 9 -5.57 -11.69 0.49
N GLN B 10 -6.72 -12.03 1.05
CA GLN B 10 -7.75 -11.06 1.35
C GLN B 10 -7.51 -10.39 2.69
N ALA B 11 -7.85 -9.11 2.77
CA ALA B 11 -7.79 -8.43 4.04
C ALA B 11 -8.87 -8.94 4.98
N ILE B 12 -8.63 -8.75 6.27
CA ILE B 12 -9.57 -9.09 7.31
C ILE B 12 -10.01 -7.79 8.00
N HIS B 13 -11.30 -7.65 8.19
CA HIS B 13 -11.85 -6.51 8.90
C HIS B 13 -11.87 -6.73 10.41
N ASP B 14 -11.69 -7.97 10.87
CA ASP B 14 -11.64 -8.31 12.30
C ASP B 14 -10.83 -9.60 12.43
N ILE B 15 -9.71 -9.54 13.14
CA ILE B 15 -8.84 -10.72 13.33
C ILE B 15 -9.66 -11.89 13.84
C4 47V C . -7.02 -1.56 -7.72
C5 47V C . -6.01 -1.13 -9.94
C6 47V C . -5.53 -1.71 -11.10
N1 47V C . -5.13 0.46 -12.05
C7 47V C . -5.14 -0.87 -12.13
C8 47V C . -5.58 1.00 -10.91
C9 47V C . -6.04 0.25 -9.84
C10 47V C . -8.10 -2.39 -5.67
C11 47V C . -8.31 -1.20 -4.82
O 47V C . -7.08 -0.39 -7.36
C3 47V C . -7.57 -2.60 -6.91
C2 47V C . -7.78 -3.99 -7.20
O1 47V C . -8.61 -3.58 -5.19
C1 47V C . -8.40 -4.53 -6.16
C 47V C . -8.90 -5.89 -5.84
N 47V C . -6.48 -1.95 -8.89
H1 47V C . -5.47 -2.78 -11.25
H2 47V C . -4.79 -1.27 -13.08
H3 47V C . -5.57 2.09 -10.87
H4 47V C . -6.44 0.76 -8.96
H5 47V C . -8.96 -0.46 -5.27
H6 47V C . -7.36 -0.72 -4.60
H7 47V C . -8.76 -1.48 -3.87
H8 47V C . -7.46 -4.47 -8.13
H9 47V C . -9.96 -5.99 -6.10
H10 47V C . -8.36 -6.65 -6.42
H11 47V C . -8.79 -6.15 -4.80
H12 47V C . -6.38 -2.95 -9.04
C1 MPD D . 12.23 12.32 -1.54
C2 MPD D . 11.77 13.53 -0.72
O2 MPD D . 12.79 13.71 0.31
CM MPD D . 11.70 14.79 -1.57
C3 MPD D . 10.39 13.30 -0.06
C4 MPD D . 10.36 12.18 0.97
O4 MPD D . 11.27 12.42 2.02
C5 MPD D . 8.98 11.92 1.58
H11 MPD D . 11.48 11.55 -1.51
H12 MPD D . 13.17 11.94 -1.16
H13 MPD D . 12.37 12.64 -2.58
HO2 MPD D . 12.36 13.65 1.20
HM1 MPD D . 10.70 15.22 -1.51
HM2 MPD D . 12.42 15.52 -1.21
HM3 MPD D . 11.92 14.55 -2.61
H31 MPD D . 9.67 13.06 -0.85
H32 MPD D . 10.07 14.23 0.40
H4 MPD D . 10.66 11.27 0.47
HO4 MPD D . 11.62 11.57 2.36
H51 MPD D . 9.03 11.99 2.66
H52 MPD D . 8.28 12.67 1.21
H53 MPD D . 8.63 10.93 1.29
C1 MPD E . 7.09 1.19 23.48
C2 MPD E . 5.64 1.64 23.24
O2 MPD E . 4.96 0.62 22.45
CM MPD E . 4.87 1.76 24.57
C3 MPD E . 5.54 2.99 22.53
C4 MPD E . 6.22 3.09 21.16
O4 MPD E . 5.57 2.27 20.21
C5 MPD E . 6.17 4.51 20.63
H11 MPD E . 7.77 1.94 23.08
H12 MPD E . 7.26 1.06 24.55
H13 MPD E . 7.25 0.24 22.97
HO2 MPD E . 4.59 1.03 21.65
HM1 MPD E . 4.45 2.75 24.66
HM2 MPD E . 4.06 1.03 24.58
HM3 MPD E . 5.55 1.56 25.40
H31 MPD E . 5.96 3.76 23.18
H32 MPD E . 4.48 3.25 22.41
H4 MPD E . 7.26 2.78 21.26
HO4 MPD E . 4.61 2.50 20.19
H51 MPD E . 5.66 4.53 19.67
H52 MPD E . 5.64 5.15 21.33
H53 MPD E . 7.19 4.88 20.50
S DMS F . -17.67 4.18 14.53
O DMS F . -17.19 3.86 13.13
C1 DMS F . -18.57 5.76 14.53
C2 DMS F . -18.99 3.05 14.99
H11 DMS F . -19.35 5.72 13.82
H12 DMS F . -17.90 6.55 14.28
H13 DMS F . -18.98 5.93 15.48
H21 DMS F . -19.39 3.32 15.93
H22 DMS F . -18.61 2.06 15.04
H23 DMS F . -19.76 3.08 14.26
#